data_4Z49
#
_entry.id   4Z49
#
_cell.length_a   38.726
_cell.length_b   117.591
_cell.length_c   63.284
_cell.angle_alpha   90.00
_cell.angle_beta   105.58
_cell.angle_gamma   90.00
#
_symmetry.space_group_name_H-M   'P 1 21 1'
#
loop_
_entity.id
_entity.type
_entity.pdbx_description
1 polymer 'Fatty acid synthase'
2 non-polymer 'POTASSIUM ION'
3 water water
#
_entity_poly.entity_id   1
_entity_poly.type   'polypeptide(L)'
_entity_poly.pdbx_seq_one_letter_code
;SLLVNPEGPTLMRLNSVQSSERPLFLVHPIEGSTTVFHSLASRLSIPTYGLQCTRAAPLDSIHSLAAYYIDCIRQVQPEG
PYRVAGYSYGACVAFEMCSQLQAQQSPAPTHNSLFLFDGSPTYVLAYTQSYRAKLTPGCEAEAETEAICFFVQQFTDMEH
NRVLEALLPLKGLEERVAAAVDLIIKSHQGLDRQELSFAARSFYYKLRAAEQYTPKAKYHGNVMLLRAKTGGAYGEDLGA
DYNLSQVCDGKVSVHVIEGDHRTLLEGSGLESIISIIHSSLA
;
_entity_poly.pdbx_strand_id   A,B
#
# COMPACT_ATOMS: atom_id res chain seq x y z
N SER A 1 0.69 15.85 18.61
CA SER A 1 1.21 14.50 18.39
C SER A 1 1.60 14.34 16.91
N LEU A 2 2.35 13.26 16.59
CA LEU A 2 2.78 13.00 15.22
C LEU A 2 1.57 12.67 14.31
N LEU A 3 1.71 12.99 13.02
CA LEU A 3 0.71 12.73 11.99
C LEU A 3 1.40 11.95 10.89
N VAL A 4 0.61 11.23 10.09
CA VAL A 4 1.19 10.45 8.99
C VAL A 4 0.53 10.91 7.71
N ASN A 5 1.22 10.69 6.59
CA ASN A 5 0.64 10.97 5.29
C ASN A 5 -0.32 9.77 5.06
N PRO A 6 -1.66 10.01 4.97
CA PRO A 6 -2.60 8.90 4.74
C PRO A 6 -2.30 8.10 3.46
N GLU A 7 -1.65 8.73 2.46
CA GLU A 7 -1.29 8.08 1.19
C GLU A 7 0.14 7.67 1.19
N GLY A 8 0.77 7.62 2.34
CA GLY A 8 2.16 7.23 2.40
C GLY A 8 2.28 5.73 2.22
N PRO A 9 3.46 5.25 1.82
CA PRO A 9 3.65 3.79 1.68
C PRO A 9 3.58 3.16 3.05
N THR A 10 2.99 1.98 3.10
CA THR A 10 2.97 1.21 4.33
C THR A 10 4.37 0.86 4.82
N LEU A 11 5.21 0.36 3.91
CA LEU A 11 6.54 -0.12 4.24
C LEU A 11 7.53 0.96 3.88
N MET A 12 8.10 1.55 4.89
CA MET A 12 9.01 2.69 4.72
C MET A 12 10.43 2.28 5.03
N ARG A 13 11.36 2.78 4.24
CA ARG A 13 12.76 2.52 4.46
C ARG A 13 13.22 3.51 5.54
N LEU A 14 13.93 3.02 6.56
CA LEU A 14 14.34 3.89 7.67
C LEU A 14 15.82 4.22 7.70
N ASN A 15 16.63 3.46 6.98
CA ASN A 15 18.05 3.76 6.88
C ASN A 15 18.51 3.47 5.45
N SER A 16 19.79 3.70 5.15
CA SER A 16 20.26 3.55 3.77
C SER A 16 21.01 2.28 3.51
N VAL A 17 20.94 1.31 4.45
CA VAL A 17 21.63 0.03 4.25
C VAL A 17 20.92 -0.79 3.19
N GLN A 18 21.67 -1.20 2.14
CA GLN A 18 21.13 -1.98 1.01
C GLN A 18 21.92 -3.29 0.91
N SER A 19 21.32 -4.40 1.32
CA SER A 19 21.99 -5.70 1.30
C SER A 19 20.93 -6.79 1.32
N SER A 20 21.37 -8.06 1.30
CA SER A 20 20.46 -9.20 1.37
C SER A 20 20.23 -9.68 2.81
N GLU A 21 20.87 -9.00 3.79
CA GLU A 21 20.70 -9.36 5.18
C GLU A 21 19.26 -9.19 5.62
N ARG A 22 18.81 -10.05 6.50
CA ARG A 22 17.43 -10.03 6.97
C ARG A 22 17.18 -8.69 7.64
N PRO A 23 16.24 -7.89 7.09
CA PRO A 23 16.01 -6.56 7.66
C PRO A 23 15.39 -6.56 9.05
N LEU A 24 15.46 -5.44 9.77
CA LEU A 24 14.68 -5.32 10.99
C LEU A 24 13.42 -4.55 10.56
N PHE A 25 12.26 -5.07 10.97
CA PHE A 25 10.99 -4.42 10.66
C PHE A 25 10.41 -3.87 11.95
N LEU A 26 10.11 -2.55 11.93
CA LEU A 26 9.65 -1.83 13.12
C LEU A 26 8.24 -1.31 12.95
N VAL A 27 7.37 -1.73 13.86
CA VAL A 27 5.96 -1.33 13.85
C VAL A 27 5.73 -0.09 14.71
N HIS A 28 5.04 0.91 14.08
CA HIS A 28 4.66 2.20 14.64
C HIS A 28 3.94 2.12 16.01
N PRO A 29 4.06 3.19 16.81
CA PRO A 29 3.22 3.34 18.00
C PRO A 29 1.83 3.81 17.55
N ILE A 30 0.95 4.16 18.45
CA ILE A 30 -0.43 4.45 18.07
C ILE A 30 -0.54 5.62 17.05
N GLU A 31 0.37 6.60 17.08
CA GLU A 31 0.28 7.76 16.17
C GLU A 31 0.46 7.30 14.72
N GLY A 32 1.02 6.11 14.56
CA GLY A 32 1.14 5.45 13.26
C GLY A 32 2.37 5.80 12.46
N SER A 33 3.21 6.72 12.97
CA SER A 33 4.39 7.19 12.26
C SER A 33 5.61 6.33 12.59
N THR A 34 6.59 6.29 11.68
CA THR A 34 7.80 5.50 11.97
C THR A 34 8.98 6.40 12.30
N THR A 35 8.75 7.75 12.37
CA THR A 35 9.86 8.71 12.63
C THR A 35 10.54 8.46 13.98
N VAL A 36 9.81 7.89 14.91
CA VAL A 36 10.36 7.56 16.24
C VAL A 36 11.51 6.57 16.16
N PHE A 37 11.59 5.83 15.04
CA PHE A 37 12.65 4.84 14.80
C PHE A 37 13.86 5.38 14.08
N HIS A 38 13.84 6.66 13.66
CA HIS A 38 14.96 7.24 12.93
C HIS A 38 16.32 7.01 13.58
N SER A 39 16.44 7.32 14.88
CA SER A 39 17.73 7.14 15.53
C SER A 39 18.20 5.67 15.57
N LEU A 40 17.32 4.78 16.00
CA LEU A 40 17.61 3.37 16.06
C LEU A 40 18.04 2.88 14.69
N ALA A 41 17.24 3.21 13.64
CA ALA A 41 17.56 2.74 12.29
C ALA A 41 18.90 3.24 11.80
N SER A 42 19.22 4.52 12.09
CA SER A 42 20.52 5.08 11.68
C SER A 42 21.75 4.34 12.30
N ARG A 43 21.55 3.67 13.45
CA ARG A 43 22.66 2.96 14.14
C ARG A 43 22.98 1.61 13.51
N LEU A 44 22.01 1.03 12.78
CA LEU A 44 22.12 -0.35 12.30
C LEU A 44 22.81 -0.55 10.97
N SER A 45 23.53 -1.69 10.88
CA SER A 45 24.22 -2.11 9.66
C SER A 45 23.44 -3.14 8.85
N ILE A 46 22.12 -3.20 9.11
CA ILE A 46 21.18 -4.02 8.35
C ILE A 46 20.06 -3.14 7.81
N PRO A 47 19.48 -3.48 6.64
CA PRO A 47 18.34 -2.70 6.15
C PRO A 47 17.27 -2.62 7.25
N THR A 48 16.70 -1.45 7.47
CA THR A 48 15.71 -1.30 8.52
C THR A 48 14.51 -0.63 7.90
N TYR A 49 13.33 -1.23 8.12
CA TYR A 49 12.10 -0.68 7.59
C TYR A 49 11.14 -0.47 8.71
N GLY A 50 10.23 0.47 8.49
CA GLY A 50 9.15 0.73 9.41
C GLY A 50 7.82 0.43 8.73
N LEU A 51 6.84 0.00 9.53
CA LEU A 51 5.49 -0.17 9.05
C LEU A 51 4.76 1.04 9.58
N GLN A 52 4.24 1.87 8.67
CA GLN A 52 3.49 3.02 9.14
C GLN A 52 2.00 2.77 8.86
N CYS A 53 1.15 3.36 9.69
CA CYS A 53 -0.27 3.13 9.60
C CYS A 53 -0.93 4.17 8.72
N THR A 54 -1.31 3.77 7.50
CA THR A 54 -1.86 4.69 6.48
C THR A 54 -3.29 4.28 6.11
N ARG A 55 -3.87 4.94 5.08
CA ARG A 55 -5.20 4.60 4.59
C ARG A 55 -5.28 3.11 4.20
N ALA A 56 -4.14 2.52 3.78
CA ALA A 56 -4.04 1.12 3.38
C ALA A 56 -4.33 0.16 4.52
N ALA A 57 -3.97 0.54 5.76
CA ALA A 57 -4.06 -0.36 6.91
C ALA A 57 -5.47 -0.83 7.29
N PRO A 58 -5.74 -2.17 7.34
CA PRO A 58 -7.06 -2.62 7.82
C PRO A 58 -7.09 -2.56 9.35
N LEU A 59 -7.97 -1.71 9.89
CA LEU A 59 -7.99 -1.45 11.34
C LEU A 59 -9.11 -2.16 12.09
N ASP A 60 -9.80 -3.10 11.42
CA ASP A 60 -10.90 -3.84 12.03
C ASP A 60 -10.45 -4.63 13.25
N SER A 61 -9.18 -5.06 13.29
CA SER A 61 -8.64 -5.78 14.44
C SER A 61 -7.12 -5.75 14.38
N ILE A 62 -6.48 -6.12 15.49
CA ILE A 62 -5.02 -6.26 15.50
C ILE A 62 -4.64 -7.40 14.58
N HIS A 63 -5.48 -8.47 14.55
CA HIS A 63 -5.25 -9.62 13.69
CA HIS A 63 -5.25 -9.62 13.68
C HIS A 63 -5.16 -9.13 12.23
N SER A 64 -6.15 -8.34 11.76
CA SER A 64 -6.11 -7.87 10.38
CA SER A 64 -6.12 -7.87 10.37
C SER A 64 -4.92 -6.99 10.09
N LEU A 65 -4.61 -6.08 11.02
CA LEU A 65 -3.49 -5.15 10.82
C LEU A 65 -2.17 -5.92 10.70
N ALA A 66 -1.94 -6.84 11.63
CA ALA A 66 -0.77 -7.68 11.65
C ALA A 66 -0.67 -8.49 10.35
N ALA A 67 -1.80 -9.07 9.88
CA ALA A 67 -1.79 -9.90 8.67
C ALA A 67 -1.34 -9.08 7.48
N TYR A 68 -1.85 -7.86 7.40
CA TYR A 68 -1.51 -6.95 6.32
C TYR A 68 0.00 -6.60 6.38
N TYR A 69 0.53 -6.27 7.56
CA TYR A 69 1.93 -5.93 7.72
C TYR A 69 2.83 -7.11 7.37
N ILE A 70 2.42 -8.33 7.76
CA ILE A 70 3.23 -9.51 7.41
C ILE A 70 3.27 -9.60 5.86
N ASP A 71 2.11 -9.46 5.22
CA ASP A 71 2.00 -9.56 3.78
C ASP A 71 2.92 -8.54 3.15
N CYS A 72 2.97 -7.32 3.67
CA CYS A 72 3.87 -6.28 3.13
C CYS A 72 5.31 -6.67 3.29
N ILE A 73 5.73 -7.06 4.53
CA ILE A 73 7.14 -7.31 4.75
C ILE A 73 7.63 -8.52 3.94
N ARG A 74 6.76 -9.52 3.70
CA ARG A 74 7.15 -10.72 2.94
C ARG A 74 7.45 -10.40 1.46
N GLN A 75 7.12 -9.18 1.02
CA GLN A 75 7.44 -8.75 -0.35
C GLN A 75 8.88 -8.29 -0.41
N VAL A 76 9.37 -7.69 0.68
CA VAL A 76 10.75 -7.24 0.78
C VAL A 76 11.65 -8.40 1.13
N GLN A 77 11.13 -9.33 1.95
CA GLN A 77 11.93 -10.46 2.39
C GLN A 77 11.05 -11.70 2.27
N PRO A 78 11.09 -12.36 1.09
CA PRO A 78 10.18 -13.51 0.84
C PRO A 78 10.28 -14.68 1.80
N GLU A 79 11.51 -14.92 2.31
CA GLU A 79 11.77 -16.03 3.21
C GLU A 79 12.15 -15.57 4.61
N GLY A 80 11.55 -16.21 5.59
CA GLY A 80 11.87 -16.00 6.99
C GLY A 80 13.24 -16.57 7.32
N PRO A 81 13.66 -16.52 8.59
CA PRO A 81 12.96 -15.92 9.73
C PRO A 81 12.98 -14.38 9.67
N TYR A 82 12.08 -13.79 10.44
CA TYR A 82 11.84 -12.35 10.51
C TYR A 82 12.25 -11.73 11.81
N ARG A 83 12.86 -10.54 11.70
CA ARG A 83 13.26 -9.71 12.83
C ARG A 83 12.17 -8.66 12.91
N VAL A 84 11.28 -8.78 13.90
CA VAL A 84 10.20 -7.82 13.97
C VAL A 84 10.19 -7.18 15.34
N ALA A 85 9.92 -5.88 15.37
CA ALA A 85 9.89 -5.11 16.63
C ALA A 85 8.71 -4.17 16.58
N GLY A 86 8.26 -3.74 17.74
CA GLY A 86 7.15 -2.80 17.78
C GLY A 86 7.32 -1.95 19.01
N TYR A 87 6.92 -0.68 18.88
CA TYR A 87 7.06 0.26 19.97
C TYR A 87 5.70 0.66 20.46
N SER A 88 5.49 0.52 21.79
CA SER A 88 4.28 0.90 22.51
C SER A 88 3.08 0.14 21.91
N TYR A 89 2.13 0.85 21.27
CA TYR A 89 1.03 0.19 20.56
C TYR A 89 1.54 -0.87 19.58
N GLY A 90 2.63 -0.53 18.88
CA GLY A 90 3.22 -1.41 17.87
C GLY A 90 3.72 -2.71 18.44
N ALA A 91 4.04 -2.75 19.74
CA ALA A 91 4.46 -3.99 20.39
C ALA A 91 3.36 -5.05 20.29
N CYS A 92 2.09 -4.67 20.52
CA CYS A 92 0.98 -5.56 20.43
CA CYS A 92 1.01 -5.65 20.42
C CYS A 92 0.86 -6.11 18.98
N VAL A 93 1.04 -5.21 18.02
CA VAL A 93 0.94 -5.57 16.61
C VAL A 93 2.08 -6.51 16.22
N ALA A 94 3.31 -6.18 16.67
CA ALA A 94 4.50 -6.97 16.36
C ALA A 94 4.36 -8.38 16.95
N PHE A 95 3.83 -8.44 18.19
CA PHE A 95 3.56 -9.71 18.87
C PHE A 95 2.55 -10.53 18.06
N GLU A 96 1.47 -9.90 17.58
CA GLU A 96 0.46 -10.57 16.76
C GLU A 96 1.02 -11.06 15.42
N MET A 97 1.86 -10.25 14.77
CA MET A 97 2.55 -10.65 13.55
C MET A 97 3.38 -11.91 13.83
N CYS A 98 4.14 -11.94 14.92
CA CYS A 98 4.92 -13.15 15.20
C CYS A 98 4.04 -14.34 15.56
N SER A 99 2.91 -14.06 16.21
CA SER A 99 1.94 -15.09 16.58
CA SER A 99 1.94 -15.10 16.58
C SER A 99 1.39 -15.73 15.30
N GLN A 100 1.09 -14.93 14.30
CA GLN A 100 0.60 -15.44 13.02
C GLN A 100 1.68 -16.25 12.28
N LEU A 101 2.94 -15.79 12.37
CA LEU A 101 4.06 -16.50 11.76
C LEU A 101 4.24 -17.86 12.42
N GLN A 102 4.12 -17.90 13.75
CA GLN A 102 4.19 -19.18 14.48
C GLN A 102 3.07 -20.13 13.96
N ALA A 103 1.81 -19.63 13.93
CA ALA A 103 0.67 -20.46 13.49
C ALA A 103 0.89 -21.02 12.06
N GLN A 104 1.51 -20.22 11.16
CA GLN A 104 1.70 -20.61 9.75
C GLN A 104 2.72 -21.73 9.55
N GLN A 105 3.72 -21.80 10.41
CA GLN A 105 4.74 -22.85 10.28
C GLN A 105 4.64 -23.92 11.36
N SER A 106 3.62 -23.81 12.24
CA SER A 106 3.35 -24.77 13.32
C SER A 106 3.35 -26.21 12.75
N PRO A 107 3.98 -27.21 13.43
CA PRO A 107 4.63 -27.14 14.74
C PRO A 107 6.12 -26.83 14.64
N ALA A 108 6.65 -26.55 13.44
CA ALA A 108 8.06 -26.18 13.24
C ALA A 108 8.34 -24.92 14.09
N PRO A 109 9.34 -24.94 14.99
CA PRO A 109 9.60 -23.75 15.80
C PRO A 109 10.02 -22.56 14.95
N THR A 110 9.67 -21.37 15.42
CA THR A 110 10.07 -20.17 14.74
C THR A 110 11.39 -19.75 15.34
N HIS A 111 12.13 -19.04 14.53
CA HIS A 111 13.38 -18.40 14.93
C HIS A 111 13.24 -16.96 14.56
N ASN A 112 12.03 -16.40 14.74
CA ASN A 112 11.74 -15.00 14.48
C ASN A 112 12.19 -14.22 15.70
N SER A 113 12.81 -13.08 15.50
CA SER A 113 13.30 -12.25 16.60
C SER A 113 12.21 -11.25 16.88
N LEU A 114 11.78 -11.17 18.13
CA LEU A 114 10.73 -10.21 18.48
C LEU A 114 11.23 -9.29 19.59
N PHE A 115 11.26 -7.98 19.29
CA PHE A 115 11.69 -6.96 20.25
C PHE A 115 10.51 -6.08 20.54
N LEU A 116 10.18 -5.92 21.80
CA LEU A 116 9.05 -5.08 22.22
C LEU A 116 9.62 -3.87 22.90
N PHE A 117 9.40 -2.69 22.32
CA PHE A 117 9.88 -1.47 22.95
C PHE A 117 8.78 -0.83 23.76
N ASP A 118 8.92 -0.98 25.07
CA ASP A 118 8.00 -0.44 26.08
C ASP A 118 6.51 -0.60 25.74
N GLY A 119 6.15 -1.83 25.47
CA GLY A 119 4.78 -2.16 25.14
C GLY A 119 4.59 -3.65 25.20
N SER A 120 3.35 -4.09 25.15
CA SER A 120 3.08 -5.53 25.15
C SER A 120 1.70 -5.83 24.59
N PRO A 121 1.37 -7.11 24.31
CA PRO A 121 -0.01 -7.44 23.90
C PRO A 121 -1.06 -6.99 24.93
N THR A 122 -0.64 -6.78 26.22
CA THR A 122 -1.47 -6.27 27.33
C THR A 122 -1.23 -4.75 27.65
N TYR A 123 -0.01 -4.22 27.41
CA TYR A 123 0.31 -2.80 27.67
C TYR A 123 0.29 -1.98 26.37
N VAL A 124 -0.91 -1.52 26.04
CA VAL A 124 -1.14 -0.70 24.84
C VAL A 124 -1.55 0.72 25.27
N GLY A 138 -19.74 3.17 27.87
CA GLY A 138 -21.15 2.80 28.04
C GLY A 138 -21.82 2.31 26.77
N CYS A 139 -21.33 2.75 25.59
CA CYS A 139 -21.83 2.39 24.24
C CYS A 139 -20.83 2.87 23.19
N GLU A 140 -21.08 2.54 21.90
CA GLU A 140 -20.25 2.94 20.77
C GLU A 140 -20.12 4.47 20.63
N ALA A 141 -21.24 5.23 20.71
CA ALA A 141 -21.17 6.71 20.59
C ALA A 141 -20.25 7.28 21.68
N GLU A 142 -20.31 6.70 22.90
CA GLU A 142 -19.43 7.08 24.02
C GLU A 142 -17.97 6.70 23.72
N ALA A 143 -17.73 5.50 23.13
CA ALA A 143 -16.39 5.01 22.80
C ALA A 143 -15.72 5.91 21.77
N GLU A 144 -16.48 6.33 20.74
CA GLU A 144 -15.98 7.25 19.71
C GLU A 144 -15.66 8.57 20.36
N THR A 145 -16.59 9.07 21.16
CA THR A 145 -16.44 10.37 21.83
C THR A 145 -15.19 10.39 22.68
N GLU A 146 -15.01 9.38 23.55
CA GLU A 146 -13.85 9.28 24.43
C GLU A 146 -12.55 9.31 23.65
N ALA A 147 -12.44 8.40 22.66
CA ALA A 147 -11.29 8.28 21.79
C ALA A 147 -10.96 9.59 21.08
N ILE A 148 -11.94 10.19 20.41
CA ILE A 148 -11.77 11.47 19.70
C ILE A 148 -11.42 12.61 20.69
N CYS A 149 -12.01 12.61 21.92
CA CYS A 149 -11.72 13.60 22.95
CA CYS A 149 -11.71 13.59 22.96
C CYS A 149 -10.23 13.53 23.33
N PHE A 150 -9.74 12.31 23.64
CA PHE A 150 -8.33 12.08 23.99
C PHE A 150 -7.44 12.60 22.87
N PHE A 151 -7.77 12.26 21.61
CA PHE A 151 -7.03 12.73 20.42
C PHE A 151 -6.95 14.26 20.38
N VAL A 152 -8.10 14.94 20.54
CA VAL A 152 -8.17 16.41 20.51
C VAL A 152 -7.33 17.05 21.62
N GLN A 153 -7.39 16.47 22.83
CA GLN A 153 -6.71 16.94 24.05
C GLN A 153 -5.20 17.00 23.94
N GLN A 154 -4.61 16.25 23.00
CA GLN A 154 -3.18 16.25 22.75
C GLN A 154 -2.83 17.52 21.97
N PHE A 155 -3.53 17.73 20.84
CA PHE A 155 -3.35 18.87 19.94
C PHE A 155 -3.83 20.20 20.52
N THR A 156 -4.78 20.19 21.47
CA THR A 156 -5.33 21.42 22.04
C THR A 156 -5.13 21.52 23.55
N ASP A 157 -5.48 22.67 24.14
CA ASP A 157 -5.35 22.94 25.58
C ASP A 157 -6.71 22.92 26.30
N MET A 158 -7.81 22.75 25.52
CA MET A 158 -9.20 22.70 26.00
C MET A 158 -9.43 21.66 27.09
N GLU A 159 -10.29 21.98 28.07
CA GLU A 159 -10.65 21.12 29.20
C GLU A 159 -11.49 19.94 28.71
N HIS A 160 -11.28 18.75 29.30
CA HIS A 160 -11.96 17.48 28.97
C HIS A 160 -13.46 17.62 28.80
N ASN A 161 -14.16 18.19 29.81
CA ASN A 161 -15.62 18.40 29.83
C ASN A 161 -16.12 19.18 28.62
N ARG A 162 -15.35 20.20 28.18
CA ARG A 162 -15.67 21.08 27.05
C ARG A 162 -15.57 20.37 25.70
N VAL A 163 -14.54 19.52 25.53
CA VAL A 163 -14.34 18.73 24.30
C VAL A 163 -15.46 17.67 24.27
N LEU A 164 -15.73 17.03 25.42
CA LEU A 164 -16.79 16.04 25.62
C LEU A 164 -18.17 16.57 25.21
N GLU A 165 -18.60 17.74 25.73
CA GLU A 165 -19.92 18.30 25.39
C GLU A 165 -20.00 18.77 23.93
N ALA A 166 -18.84 19.01 23.28
CA ALA A 166 -18.82 19.37 21.86
C ALA A 166 -18.96 18.11 20.99
N LEU A 167 -18.36 16.96 21.41
CA LEU A 167 -18.35 15.72 20.60
C LEU A 167 -19.46 14.71 20.89
N LEU A 168 -19.82 14.53 22.17
CA LEU A 168 -20.81 13.56 22.63
C LEU A 168 -22.13 13.63 21.89
N PRO A 169 -22.76 14.81 21.67
CA PRO A 169 -24.10 14.80 21.03
C PRO A 169 -24.14 14.68 19.51
N LEU A 170 -22.97 14.68 18.85
CA LEU A 170 -22.93 14.62 17.40
C LEU A 170 -23.47 13.28 16.87
N LYS A 171 -23.89 13.28 15.60
CA LYS A 171 -24.55 12.17 14.91
C LYS A 171 -23.76 10.87 14.84
N GLY A 172 -22.46 10.96 14.57
CA GLY A 172 -21.66 9.77 14.41
C GLY A 172 -20.20 10.09 14.27
N LEU A 173 -19.44 9.06 13.95
CA LEU A 173 -17.99 9.16 13.86
C LEU A 173 -17.50 10.27 12.93
N GLU A 174 -18.02 10.36 11.69
CA GLU A 174 -17.57 11.41 10.77
C GLU A 174 -17.80 12.82 11.30
N GLU A 175 -18.93 13.05 12.00
CA GLU A 175 -19.25 14.36 12.57
C GLU A 175 -18.31 14.67 13.74
N ARG A 176 -17.99 13.65 14.54
CA ARG A 176 -17.06 13.81 15.66
C ARG A 176 -15.70 14.18 15.10
N VAL A 177 -15.24 13.44 14.06
CA VAL A 177 -13.93 13.65 13.41
C VAL A 177 -13.88 15.08 12.84
N ALA A 178 -14.92 15.49 12.07
CA ALA A 178 -14.99 16.84 11.50
C ALA A 178 -14.93 17.93 12.57
N ALA A 179 -15.71 17.76 13.67
CA ALA A 179 -15.69 18.75 14.76
C ALA A 179 -14.34 18.76 15.48
N ALA A 180 -13.71 17.58 15.59
CA ALA A 180 -12.39 17.44 16.22
C ALA A 180 -11.36 18.19 15.38
N VAL A 181 -11.40 18.01 14.05
CA VAL A 181 -10.44 18.66 13.13
C VAL A 181 -10.61 20.19 13.26
N ASP A 182 -11.86 20.68 13.27
CA ASP A 182 -12.17 22.09 13.45
C ASP A 182 -11.62 22.64 14.75
N LEU A 183 -11.76 21.88 15.86
CA LEU A 183 -11.26 22.28 17.19
C LEU A 183 -9.75 22.42 17.18
N ILE A 184 -9.04 21.44 16.56
CA ILE A 184 -7.58 21.41 16.44
C ILE A 184 -7.09 22.58 15.58
N ILE A 185 -7.70 22.78 14.39
CA ILE A 185 -7.35 23.84 13.44
C ILE A 185 -7.48 25.23 14.08
N LYS A 186 -8.50 25.44 14.94
CA LYS A 186 -8.74 26.71 15.65
C LYS A 186 -7.54 27.09 16.52
N SER A 187 -6.91 26.07 17.12
CA SER A 187 -5.75 26.20 17.99
C SER A 187 -4.43 26.23 17.19
N HIS A 188 -4.35 25.48 16.07
CA HIS A 188 -3.17 25.35 15.21
C HIS A 188 -3.55 25.41 13.72
N GLN A 189 -3.76 26.64 13.20
CA GLN A 189 -4.24 26.93 11.85
C GLN A 189 -3.43 26.33 10.70
N GLY A 190 -2.13 26.12 10.91
CA GLY A 190 -1.21 25.60 9.91
C GLY A 190 -1.21 24.10 9.72
N LEU A 191 -1.88 23.34 10.64
CA LEU A 191 -1.93 21.87 10.53
C LEU A 191 -2.75 21.40 9.34
N ASP A 192 -2.37 20.25 8.74
CA ASP A 192 -3.08 19.73 7.56
C ASP A 192 -4.36 19.02 7.98
N ARG A 193 -5.51 19.57 7.54
CA ARG A 193 -6.85 19.03 7.78
C ARG A 193 -7.03 17.57 7.34
N GLN A 194 -6.49 17.14 6.17
CA GLN A 194 -6.68 15.72 5.82
C GLN A 194 -5.86 14.79 6.68
N GLU A 195 -4.64 15.19 7.09
CA GLU A 195 -3.85 14.35 7.96
C GLU A 195 -4.54 14.20 9.32
N LEU A 196 -5.06 15.32 9.85
CA LEU A 196 -5.79 15.33 11.12
C LEU A 196 -7.04 14.50 11.06
N SER A 197 -7.83 14.61 9.95
CA SER A 197 -9.05 13.83 9.76
CA SER A 197 -9.04 13.83 9.74
C SER A 197 -8.71 12.35 9.79
N PHE A 198 -7.68 11.94 9.03
CA PHE A 198 -7.29 10.53 9.01
C PHE A 198 -6.78 10.08 10.37
N ALA A 199 -5.94 10.90 11.03
CA ALA A 199 -5.40 10.58 12.34
C ALA A 199 -6.50 10.42 13.38
N ALA A 200 -7.47 11.33 13.42
CA ALA A 200 -8.58 11.31 14.36
C ALA A 200 -9.44 10.10 14.20
N ARG A 201 -9.89 9.80 12.98
CA ARG A 201 -10.75 8.63 12.70
C ARG A 201 -9.99 7.37 13.00
N SER A 202 -8.75 7.25 12.49
CA SER A 202 -7.94 6.04 12.70
C SER A 202 -7.60 5.84 14.17
N PHE A 203 -7.44 6.94 14.95
CA PHE A 203 -7.15 6.84 16.39
C PHE A 203 -8.23 6.03 17.12
N TYR A 204 -9.52 6.32 16.82
CA TYR A 204 -10.63 5.57 17.38
C TYR A 204 -10.52 4.07 16.99
N TYR A 205 -10.36 3.78 15.69
CA TYR A 205 -10.25 2.39 15.22
C TYR A 205 -9.05 1.68 15.85
N LYS A 206 -7.92 2.38 16.02
CA LYS A 206 -6.70 1.82 16.61
C LYS A 206 -6.96 1.42 18.06
N LEU A 207 -7.55 2.33 18.86
CA LEU A 207 -7.90 2.03 20.26
C LEU A 207 -8.87 0.89 20.36
N ARG A 208 -9.96 0.92 19.56
CA ARG A 208 -10.98 -0.14 19.57
C ARG A 208 -10.30 -1.52 19.29
N ALA A 209 -9.44 -1.58 18.26
CA ALA A 209 -8.75 -2.85 17.94
C ALA A 209 -7.85 -3.33 19.09
N ALA A 210 -7.01 -2.43 19.61
CA ALA A 210 -6.11 -2.82 20.71
C ALA A 210 -6.87 -3.26 21.95
N GLU A 211 -8.00 -2.58 22.28
CA GLU A 211 -8.80 -2.96 23.45
C GLU A 211 -9.53 -4.28 23.27
N GLN A 212 -9.86 -4.67 22.02
CA GLN A 212 -10.52 -5.98 21.81
C GLN A 212 -9.48 -7.10 21.63
N TYR A 213 -8.21 -6.76 21.43
CA TYR A 213 -7.20 -7.76 21.12
C TYR A 213 -6.85 -8.74 22.22
N THR A 214 -6.89 -10.03 21.86
CA THR A 214 -6.36 -11.08 22.72
C THR A 214 -5.67 -12.09 21.79
N PRO A 215 -4.42 -12.49 22.07
CA PRO A 215 -3.76 -13.49 21.21
C PRO A 215 -4.56 -14.81 21.11
N LYS A 216 -4.56 -15.44 19.93
CA LYS A 216 -5.35 -16.66 19.66
C LYS A 216 -4.69 -17.91 20.23
N ALA A 217 -3.38 -17.84 20.49
CA ALA A 217 -2.65 -18.98 21.05
C ALA A 217 -1.43 -18.51 21.80
N LYS A 218 -0.92 -19.36 22.70
CA LYS A 218 0.32 -19.09 23.44
C LYS A 218 1.50 -18.95 22.47
N TYR A 219 2.31 -17.92 22.67
CA TYR A 219 3.48 -17.66 21.85
C TYR A 219 4.67 -18.42 22.40
N HIS A 220 5.32 -19.26 21.58
CA HIS A 220 6.40 -20.11 22.04
C HIS A 220 7.79 -19.51 21.80
N GLY A 221 7.87 -18.53 20.91
CA GLY A 221 9.14 -17.91 20.56
C GLY A 221 9.71 -17.03 21.65
N ASN A 222 11.00 -16.71 21.53
CA ASN A 222 11.68 -15.82 22.48
C ASN A 222 11.21 -14.42 22.27
N VAL A 223 11.04 -13.71 23.36
CA VAL A 223 10.60 -12.33 23.29
C VAL A 223 11.55 -11.51 24.10
N MET A 224 11.97 -10.37 23.53
CA MET A 224 12.77 -9.43 24.29
C MET A 224 11.91 -8.20 24.56
N LEU A 225 11.75 -7.84 25.82
CA LEU A 225 11.08 -6.62 26.24
C LEU A 225 12.13 -5.60 26.68
N LEU A 226 12.11 -4.40 26.06
CA LEU A 226 12.96 -3.28 26.42
C LEU A 226 12.01 -2.30 27.11
N ARG A 227 12.01 -2.32 28.44
CA ARG A 227 11.10 -1.57 29.28
C ARG A 227 11.74 -0.24 29.67
N ALA A 228 10.98 0.86 29.62
CA ALA A 228 11.51 2.15 30.05
C ALA A 228 11.81 2.13 31.58
N LYS A 229 12.99 2.62 31.97
CA LYS A 229 13.40 2.66 33.37
C LYS A 229 12.49 3.62 34.15
N THR A 230 12.20 4.80 33.54
CA THR A 230 11.33 5.80 34.19
C THR A 230 9.91 5.56 33.77
N GLY A 231 9.10 5.00 34.66
CA GLY A 231 7.69 4.70 34.42
C GLY A 231 6.80 5.92 34.50
N GLY A 239 2.98 -5.30 35.67
CA GLY A 239 4.02 -6.29 35.98
C GLY A 239 5.35 -5.95 35.34
N ALA A 240 6.46 -6.56 35.85
CA ALA A 240 7.85 -6.33 35.38
C ALA A 240 8.05 -6.69 33.91
N ASP A 241 7.27 -7.65 33.42
CA ASP A 241 7.40 -8.10 32.04
C ASP A 241 6.19 -7.67 31.20
N TYR A 242 5.39 -6.73 31.72
CA TYR A 242 4.19 -6.25 31.02
C TYR A 242 3.25 -7.40 30.65
N ASN A 243 3.16 -8.40 31.58
CA ASN A 243 2.29 -9.57 31.48
C ASN A 243 2.69 -10.55 30.38
N LEU A 244 3.92 -10.41 29.85
CA LEU A 244 4.34 -11.32 28.76
C LEU A 244 4.24 -12.81 29.12
N SER A 245 4.59 -13.20 30.35
CA SER A 245 4.55 -14.60 30.81
C SER A 245 3.16 -15.21 30.69
N GLN A 246 2.10 -14.37 30.70
CA GLN A 246 0.71 -14.82 30.58
C GLN A 246 0.37 -15.29 29.15
N VAL A 247 1.06 -14.73 28.14
CA VAL A 247 0.77 -15.04 26.74
C VAL A 247 1.96 -15.69 26.00
N CYS A 248 3.11 -15.85 26.69
CA CYS A 248 4.40 -16.39 26.21
CA CYS A 248 4.30 -16.42 26.10
C CYS A 248 4.87 -17.50 27.03
N ASP A 249 5.19 -18.67 26.45
CA ASP A 249 5.78 -19.71 27.28
C ASP A 249 7.22 -19.99 26.82
N GLY A 250 7.74 -19.09 26.01
CA GLY A 250 9.13 -19.14 25.55
C GLY A 250 9.99 -18.37 26.51
N LYS A 251 11.19 -18.01 26.08
CA LYS A 251 12.08 -17.27 26.93
C LYS A 251 11.76 -15.78 26.81
N VAL A 252 11.35 -15.16 27.92
CA VAL A 252 11.07 -13.72 27.90
C VAL A 252 12.26 -13.05 28.60
N SER A 253 12.96 -12.19 27.87
CA SER A 253 14.11 -11.46 28.38
C SER A 253 13.67 -10.03 28.58
N VAL A 254 13.81 -9.52 29.81
CA VAL A 254 13.39 -8.15 30.09
C VAL A 254 14.63 -7.30 30.36
N HIS A 255 14.71 -6.15 29.70
CA HIS A 255 15.83 -5.25 29.91
C HIS A 255 15.26 -3.90 30.27
N VAL A 256 15.80 -3.32 31.32
CA VAL A 256 15.34 -2.00 31.79
C VAL A 256 16.24 -0.96 31.13
N ILE A 257 15.65 -0.06 30.36
CA ILE A 257 16.38 0.92 29.52
C ILE A 257 16.20 2.32 30.01
N GLU A 258 17.32 3.03 30.17
CA GLU A 258 17.32 4.42 30.63
C GLU A 258 16.42 5.26 29.73
N GLY A 259 15.59 6.07 30.38
CA GLY A 259 14.65 6.94 29.70
C GLY A 259 13.22 6.60 30.06
N ASP A 260 12.27 7.31 29.44
CA ASP A 260 10.87 7.06 29.73
C ASP A 260 10.27 6.41 28.53
N HIS A 261 8.94 6.30 28.52
CA HIS A 261 8.19 5.68 27.45
C HIS A 261 8.50 6.27 26.07
N ARG A 262 8.77 7.59 26.00
CA ARG A 262 9.03 8.31 24.75
C ARG A 262 10.50 8.51 24.44
N THR A 263 11.43 8.32 25.42
CA THR A 263 12.85 8.61 25.25
C THR A 263 13.76 7.38 25.31
N LEU A 264 13.22 6.19 25.64
CA LEU A 264 14.10 5.03 25.69
C LEU A 264 14.73 4.69 24.32
N LEU A 265 14.11 5.15 23.19
CA LEU A 265 14.65 4.90 21.85
C LEU A 265 15.58 6.02 21.37
N GLU A 266 16.09 6.81 22.34
CA GLU A 266 17.02 7.89 22.06
C GLU A 266 18.16 7.88 23.07
N GLY A 267 19.22 8.65 22.78
CA GLY A 267 20.35 8.83 23.68
C GLY A 267 20.87 7.60 24.40
N SER A 268 21.09 7.70 25.73
CA SER A 268 21.67 6.62 26.53
C SER A 268 20.87 5.31 26.43
N GLY A 269 19.56 5.42 26.49
CA GLY A 269 18.67 4.27 26.38
C GLY A 269 18.84 3.55 25.06
N LEU A 270 18.94 4.32 23.94
CA LEU A 270 19.13 3.70 22.64
C LEU A 270 20.49 3.04 22.59
N GLU A 271 21.52 3.66 23.23
CA GLU A 271 22.87 3.05 23.26
C GLU A 271 22.78 1.67 23.91
N SER A 272 22.02 1.56 25.01
CA SER A 272 21.83 0.30 25.73
CA SER A 272 21.84 0.30 25.74
C SER A 272 21.09 -0.68 24.86
N ILE A 273 20.00 -0.22 24.21
CA ILE A 273 19.22 -1.07 23.31
C ILE A 273 20.11 -1.68 22.22
N ILE A 274 20.93 -0.85 21.56
CA ILE A 274 21.87 -1.29 20.52
C ILE A 274 22.82 -2.40 21.02
N SER A 275 23.42 -2.24 22.22
CA SER A 275 24.30 -3.24 22.82
C SER A 275 23.55 -4.55 23.11
N ILE A 276 22.32 -4.44 23.60
CA ILE A 276 21.51 -5.62 23.92
C ILE A 276 21.09 -6.40 22.67
N ILE A 277 20.70 -5.73 21.59
CA ILE A 277 20.20 -6.42 20.40
C ILE A 277 21.24 -6.76 19.33
N HIS A 278 22.48 -6.23 19.44
CA HIS A 278 23.57 -6.45 18.50
CA HIS A 278 23.48 -6.44 18.39
C HIS A 278 23.77 -7.92 18.09
N SER A 279 23.92 -8.82 19.09
CA SER A 279 24.16 -10.22 18.78
C SER A 279 23.06 -10.87 17.95
N SER A 280 21.80 -10.49 18.21
CA SER A 280 20.67 -11.04 17.49
C SER A 280 20.63 -10.54 16.05
N LEU A 281 21.05 -9.28 15.84
CA LEU A 281 20.98 -8.65 14.53
C LEU A 281 22.20 -8.93 13.63
N ALA A 282 23.14 -9.80 14.08
CA ALA A 282 24.36 -10.17 13.35
C ALA A 282 24.10 -10.71 11.94
N SER B 1 -12.91 -10.75 -15.88
CA SER B 1 -11.85 -9.85 -15.44
C SER B 1 -11.10 -10.32 -14.17
N LEU B 2 -9.80 -10.02 -14.12
CA LEU B 2 -9.02 -10.32 -12.92
C LEU B 2 -9.46 -9.38 -11.81
N LEU B 3 -9.20 -9.80 -10.56
CA LEU B 3 -9.50 -9.04 -9.37
C LEU B 3 -8.28 -9.06 -8.45
N VAL B 4 -8.19 -8.06 -7.58
CA VAL B 4 -7.12 -7.97 -6.63
C VAL B 4 -7.70 -8.07 -5.23
N ASN B 5 -6.85 -8.45 -4.29
CA ASN B 5 -7.19 -8.40 -2.89
C ASN B 5 -7.17 -6.87 -2.53
N PRO B 6 -8.30 -6.31 -2.11
CA PRO B 6 -8.33 -4.86 -1.77
C PRO B 6 -7.29 -4.51 -0.67
N GLU B 7 -6.97 -5.48 0.22
CA GLU B 7 -5.99 -5.33 1.28
C GLU B 7 -4.62 -5.84 0.89
N GLY B 8 -4.43 -6.16 -0.37
CA GLY B 8 -3.12 -6.62 -0.79
C GLY B 8 -2.04 -5.54 -0.69
N PRO B 9 -0.78 -5.90 -0.47
CA PRO B 9 0.31 -4.89 -0.45
C PRO B 9 0.43 -4.27 -1.84
N THR B 10 0.68 -2.98 -1.91
CA THR B 10 0.84 -2.30 -3.19
C THR B 10 2.05 -2.92 -3.92
N LEU B 11 3.17 -3.09 -3.22
CA LEU B 11 4.40 -3.59 -3.85
C LEU B 11 4.54 -5.06 -3.59
N MET B 12 4.41 -5.88 -4.64
CA MET B 12 4.48 -7.34 -4.53
C MET B 12 5.75 -7.88 -5.17
N ARG B 13 6.35 -8.89 -4.56
CA ARG B 13 7.52 -9.51 -5.14
CA ARG B 13 7.53 -9.56 -5.08
C ARG B 13 7.01 -10.60 -6.08
N LEU B 14 7.38 -10.49 -7.35
CA LEU B 14 6.89 -11.39 -8.40
C LEU B 14 7.77 -12.60 -8.71
N ASN B 15 9.02 -12.56 -8.31
CA ASN B 15 9.91 -13.72 -8.53
C ASN B 15 10.74 -13.98 -7.28
N SER B 16 11.57 -15.04 -7.27
CA SER B 16 12.28 -15.46 -6.07
C SER B 16 13.78 -15.34 -6.22
N VAL B 17 14.26 -15.01 -7.41
CA VAL B 17 15.70 -14.93 -7.70
C VAL B 17 16.46 -14.15 -6.62
N GLN B 18 17.59 -14.74 -6.15
CA GLN B 18 18.46 -14.07 -5.20
C GLN B 18 19.49 -13.36 -6.07
N SER B 19 19.40 -12.02 -6.11
CA SER B 19 20.22 -11.19 -7.00
C SER B 19 20.53 -9.86 -6.33
N SER B 20 21.70 -9.30 -6.62
CA SER B 20 22.13 -8.01 -6.05
C SER B 20 21.79 -6.90 -7.07
N GLU B 21 21.26 -7.30 -8.25
CA GLU B 21 20.89 -6.37 -9.31
C GLU B 21 19.73 -5.48 -8.90
N ARG B 22 19.68 -4.26 -9.45
CA ARG B 22 18.60 -3.34 -9.17
C ARG B 22 17.30 -4.02 -9.65
N PRO B 23 16.19 -3.83 -8.95
CA PRO B 23 14.96 -4.49 -9.39
C PRO B 23 14.36 -3.88 -10.64
N LEU B 24 13.34 -4.57 -11.13
CA LEU B 24 12.49 -4.17 -12.22
C LEU B 24 11.09 -4.04 -11.58
N PHE B 25 10.40 -2.92 -11.81
CA PHE B 25 9.06 -2.68 -11.24
C PHE B 25 8.05 -2.71 -12.35
N LEU B 26 7.02 -3.55 -12.18
CA LEU B 26 6.04 -3.76 -13.25
C LEU B 26 4.70 -3.23 -12.81
N VAL B 27 4.08 -2.38 -13.61
CA VAL B 27 2.81 -1.75 -13.25
C VAL B 27 1.66 -2.44 -13.95
N HIS B 28 0.63 -2.75 -13.16
CA HIS B 28 -0.59 -3.41 -13.55
C HIS B 28 -1.38 -2.74 -14.69
N PRO B 29 -2.20 -3.53 -15.44
CA PRO B 29 -3.16 -2.95 -16.38
C PRO B 29 -4.39 -2.49 -15.54
N ILE B 30 -5.47 -2.09 -16.20
CA ILE B 30 -6.62 -1.48 -15.54
C ILE B 30 -7.23 -2.34 -14.44
N GLU B 31 -7.25 -3.65 -14.65
CA GLU B 31 -7.84 -4.58 -13.66
CA GLU B 31 -7.81 -4.62 -13.69
C GLU B 31 -7.07 -4.55 -12.33
N GLY B 32 -5.83 -4.04 -12.34
CA GLY B 32 -5.06 -3.84 -11.11
C GLY B 32 -4.13 -4.91 -10.59
N SER B 33 -4.19 -6.10 -11.17
CA SER B 33 -3.44 -7.29 -10.78
C SER B 33 -2.12 -7.35 -11.48
N THR B 34 -1.13 -7.92 -10.79
CA THR B 34 0.20 -8.14 -11.35
C THR B 34 0.34 -9.57 -11.87
N THR B 35 -0.72 -10.39 -11.76
CA THR B 35 -0.60 -11.79 -12.18
C THR B 35 -0.28 -11.94 -13.67
N VAL B 36 -0.69 -10.96 -14.50
CA VAL B 36 -0.39 -10.95 -15.96
C VAL B 36 1.15 -11.02 -16.19
N PHE B 37 1.94 -10.64 -15.16
CA PHE B 37 3.40 -10.59 -15.23
C PHE B 37 4.07 -11.82 -14.70
N HIS B 38 3.31 -12.80 -14.20
CA HIS B 38 3.97 -13.95 -13.59
C HIS B 38 4.96 -14.64 -14.52
N SER B 39 4.52 -14.95 -15.76
CA SER B 39 5.39 -15.65 -16.71
C SER B 39 6.70 -14.91 -16.96
N LEU B 40 6.60 -13.61 -17.18
CA LEU B 40 7.78 -12.79 -17.43
C LEU B 40 8.67 -12.75 -16.20
N ALA B 41 8.07 -12.41 -15.04
CA ALA B 41 8.86 -12.30 -13.79
C ALA B 41 9.58 -13.61 -13.47
N SER B 42 8.88 -14.75 -13.69
CA SER B 42 9.44 -16.06 -13.39
C SER B 42 10.68 -16.42 -14.22
N ARG B 43 10.89 -15.73 -15.36
CA ARG B 43 12.00 -15.97 -16.26
C ARG B 43 13.09 -14.94 -16.15
N LEU B 44 12.81 -13.81 -15.48
CA LEU B 44 13.80 -12.76 -15.34
C LEU B 44 14.79 -13.04 -14.23
N SER B 45 16.06 -12.70 -14.49
CA SER B 45 17.14 -12.98 -13.55
C SER B 45 17.32 -11.88 -12.53
N ILE B 46 16.58 -10.77 -12.66
CA ILE B 46 16.68 -9.68 -11.71
C ILE B 46 15.47 -9.67 -10.75
N PRO B 47 15.62 -9.14 -9.52
CA PRO B 47 14.46 -9.08 -8.64
C PRO B 47 13.37 -8.32 -9.33
N THR B 48 12.18 -8.91 -9.39
CA THR B 48 11.10 -8.27 -10.09
C THR B 48 9.92 -8.09 -9.15
N TYR B 49 9.43 -6.85 -9.07
CA TYR B 49 8.28 -6.47 -8.27
C TYR B 49 7.14 -6.03 -9.16
N GLY B 50 5.94 -6.11 -8.61
CA GLY B 50 4.76 -5.62 -9.25
C GLY B 50 4.07 -4.59 -8.39
N LEU B 51 3.50 -3.59 -9.05
CA LEU B 51 2.67 -2.59 -8.40
C LEU B 51 1.24 -3.00 -8.68
N GLN B 52 0.50 -3.35 -7.62
CA GLN B 52 -0.92 -3.72 -7.78
C GLN B 52 -1.78 -2.60 -7.24
N CYS B 53 -2.97 -2.43 -7.81
CA CYS B 53 -3.84 -1.32 -7.47
C CYS B 53 -4.83 -1.78 -6.43
N THR B 54 -4.54 -1.48 -5.15
CA THR B 54 -5.38 -1.96 -4.06
C THR B 54 -6.03 -0.79 -3.34
N ARG B 55 -6.61 -1.05 -2.14
CA ARG B 55 -7.24 0.06 -1.39
C ARG B 55 -6.24 1.20 -1.11
N ALA B 56 -4.95 0.88 -1.02
CA ALA B 56 -3.91 1.87 -0.75
C ALA B 56 -3.80 2.93 -1.86
N ALA B 57 -3.97 2.51 -3.11
CA ALA B 57 -3.75 3.36 -4.26
C ALA B 57 -4.70 4.59 -4.39
N PRO B 58 -4.14 5.83 -4.53
CA PRO B 58 -5.00 7.01 -4.75
C PRO B 58 -5.41 7.11 -6.22
N LEU B 59 -6.70 7.00 -6.50
CA LEU B 59 -7.16 7.01 -7.88
C LEU B 59 -7.67 8.32 -8.40
N ASP B 60 -7.42 9.42 -7.68
CA ASP B 60 -7.94 10.72 -8.14
C ASP B 60 -7.37 11.16 -9.48
N SER B 61 -6.13 10.74 -9.79
CA SER B 61 -5.50 11.10 -11.06
C SER B 61 -4.38 10.11 -11.36
N ILE B 62 -3.91 10.12 -12.59
CA ILE B 62 -2.72 9.30 -12.94
C ILE B 62 -1.51 9.84 -12.17
N HIS B 63 -1.43 11.18 -12.03
CA HIS B 63 -0.34 11.83 -11.30
CA HIS B 63 -0.34 11.84 -11.30
C HIS B 63 -0.29 11.30 -9.86
N SER B 64 -1.41 11.27 -9.16
CA SER B 64 -1.43 10.80 -7.77
CA SER B 64 -1.45 10.80 -7.77
C SER B 64 -1.08 9.32 -7.67
N LEU B 65 -1.60 8.51 -8.59
CA LEU B 65 -1.30 7.07 -8.57
C LEU B 65 0.19 6.85 -8.82
N ALA B 66 0.75 7.49 -9.87
CA ALA B 66 2.18 7.37 -10.18
C ALA B 66 3.05 7.85 -8.98
N ALA B 67 2.70 9.00 -8.39
CA ALA B 67 3.44 9.56 -7.24
C ALA B 67 3.45 8.54 -6.09
N TYR B 68 2.32 7.90 -5.85
CA TYR B 68 2.21 6.92 -4.79
C TYR B 68 3.10 5.69 -5.08
N TYR B 69 3.06 5.19 -6.31
CA TYR B 69 3.90 4.05 -6.65
C TYR B 69 5.40 4.41 -6.57
N ILE B 70 5.79 5.58 -7.04
CA ILE B 70 7.19 5.99 -6.94
C ILE B 70 7.58 6.03 -5.47
N ASP B 71 6.70 6.56 -4.60
CA ASP B 71 6.98 6.63 -3.16
C ASP B 71 7.17 5.21 -2.60
N CYS B 72 6.35 4.24 -3.06
CA CYS B 72 6.53 2.85 -2.60
C CYS B 72 7.82 2.27 -3.06
N ILE B 73 8.12 2.39 -4.38
CA ILE B 73 9.33 1.78 -4.94
C ILE B 73 10.63 2.35 -4.35
N ARG B 74 10.66 3.65 -4.02
CA ARG B 74 11.85 4.28 -3.46
C ARG B 74 12.16 3.79 -2.06
N GLN B 75 11.22 3.10 -1.44
CA GLN B 75 11.45 2.50 -0.10
C GLN B 75 12.34 1.25 -0.30
N VAL B 76 12.09 0.53 -1.39
CA VAL B 76 12.88 -0.66 -1.70
C VAL B 76 14.20 -0.23 -2.30
N GLN B 77 14.16 0.71 -3.24
CA GLN B 77 15.33 1.16 -3.97
C GLN B 77 15.44 2.67 -3.80
N PRO B 78 16.21 3.13 -2.82
CA PRO B 78 16.26 4.58 -2.53
C PRO B 78 16.91 5.47 -3.60
N GLU B 79 17.82 4.90 -4.39
CA GLU B 79 18.47 5.69 -5.44
C GLU B 79 18.23 5.07 -6.82
N GLY B 80 18.11 5.92 -7.84
CA GLY B 80 18.03 5.49 -9.23
C GLY B 80 19.35 4.98 -9.77
N PRO B 81 19.42 4.60 -11.06
CA PRO B 81 18.32 4.62 -12.04
C PRO B 81 17.30 3.56 -11.77
N TYR B 82 16.07 3.84 -12.16
CA TYR B 82 14.96 2.96 -11.98
C TYR B 82 14.61 2.29 -13.28
N ARG B 83 14.13 1.04 -13.20
CA ARG B 83 13.69 0.25 -14.35
C ARG B 83 12.25 -0.07 -14.07
N VAL B 84 11.40 0.55 -14.88
CA VAL B 84 9.96 0.52 -14.72
C VAL B 84 9.32 0.07 -16.00
N ALA B 85 8.29 -0.74 -15.85
CA ALA B 85 7.56 -1.20 -17.05
C ALA B 85 6.10 -1.17 -16.68
N GLY B 86 5.25 -1.02 -17.67
CA GLY B 86 3.82 -0.99 -17.38
C GLY B 86 3.10 -1.61 -18.55
N TYR B 87 2.00 -2.33 -18.25
CA TYR B 87 1.25 -2.99 -19.32
C TYR B 87 -0.09 -2.30 -19.49
N SER B 88 -0.42 -1.95 -20.74
CA SER B 88 -1.70 -1.32 -21.14
C SER B 88 -1.91 -0.06 -20.30
N TYR B 89 -2.95 -0.01 -19.44
CA TYR B 89 -3.22 1.10 -18.53
C TYR B 89 -1.94 1.43 -17.75
N GLY B 90 -1.25 0.38 -17.28
CA GLY B 90 0.02 0.52 -16.55
C GLY B 90 1.14 1.17 -17.34
N ALA B 91 1.12 1.11 -18.69
CA ALA B 91 2.15 1.78 -19.52
C ALA B 91 1.94 3.28 -19.33
N CYS B 92 0.67 3.72 -19.22
CA CYS B 92 0.46 5.14 -18.98
C CYS B 92 0.96 5.56 -17.58
N VAL B 93 0.65 4.75 -16.58
CA VAL B 93 1.06 5.03 -15.22
C VAL B 93 2.60 5.05 -15.13
N ALA B 94 3.28 4.02 -15.71
CA ALA B 94 4.76 3.89 -15.73
C ALA B 94 5.37 5.11 -16.43
N PHE B 95 4.76 5.52 -17.55
CA PHE B 95 5.19 6.74 -18.25
C PHE B 95 5.17 7.96 -17.28
N GLU B 96 4.08 8.14 -16.54
CA GLU B 96 3.96 9.27 -15.61
C GLU B 96 4.93 9.12 -14.45
N MET B 97 5.14 7.88 -13.97
CA MET B 97 6.13 7.64 -12.92
C MET B 97 7.49 8.10 -13.36
N CYS B 98 7.88 7.68 -14.58
CA CYS B 98 9.17 8.09 -15.10
C CYS B 98 9.22 9.57 -15.41
N SER B 99 8.06 10.17 -15.78
CA SER B 99 7.99 11.62 -16.01
C SER B 99 8.28 12.36 -14.70
N GLN B 100 7.74 11.83 -13.57
CA GLN B 100 7.95 12.44 -12.25
C GLN B 100 9.36 12.31 -11.82
N LEU B 101 9.97 11.14 -12.06
CA LEU B 101 11.39 10.99 -11.72
C LEU B 101 12.25 11.98 -12.55
N GLN B 102 11.92 12.16 -13.85
CA GLN B 102 12.62 13.13 -14.68
C GLN B 102 12.53 14.54 -14.08
N ALA B 103 11.30 14.96 -13.67
CA ALA B 103 11.06 16.29 -13.14
C ALA B 103 11.83 16.46 -11.83
N GLN B 104 11.94 15.39 -11.02
CA GLN B 104 12.67 15.49 -9.75
C GLN B 104 14.18 15.67 -9.95
N GLN B 105 14.73 15.05 -11.00
CA GLN B 105 16.16 15.08 -11.31
C GLN B 105 16.52 16.27 -12.23
N SER B 106 15.50 16.92 -12.86
CA SER B 106 15.72 18.02 -13.84
C SER B 106 16.68 19.05 -13.25
N PRO B 107 17.70 19.53 -14.00
CA PRO B 107 17.96 19.33 -15.43
C PRO B 107 18.86 18.12 -15.77
N ALA B 108 19.27 17.35 -14.75
CA ALA B 108 20.13 16.18 -14.95
C ALA B 108 19.39 15.09 -15.72
N PRO B 109 19.97 14.58 -16.83
CA PRO B 109 19.28 13.53 -17.59
C PRO B 109 19.17 12.29 -16.73
N THR B 110 18.10 11.60 -16.94
CA THR B 110 17.93 10.41 -16.18
C THR B 110 18.47 9.30 -17.07
N HIS B 111 18.71 8.20 -16.47
CA HIS B 111 19.16 6.99 -17.14
C HIS B 111 18.24 5.86 -16.71
N ASN B 112 16.95 6.18 -16.51
CA ASN B 112 15.96 5.21 -16.12
C ASN B 112 15.53 4.41 -17.35
N SER B 113 15.12 3.18 -17.12
CA SER B 113 14.66 2.31 -18.21
C SER B 113 13.13 2.28 -18.16
N LEU B 114 12.46 2.65 -19.26
CA LEU B 114 11.00 2.60 -19.31
C LEU B 114 10.56 1.64 -20.43
N PHE B 115 9.82 0.58 -20.06
CA PHE B 115 9.32 -0.40 -21.04
C PHE B 115 7.80 -0.32 -21.00
N LEU B 116 7.20 -0.11 -22.14
CA LEU B 116 5.75 0.00 -22.19
C LEU B 116 5.26 -1.21 -22.94
N PHE B 117 4.53 -2.08 -22.26
CA PHE B 117 4.01 -3.27 -22.92
C PHE B 117 2.67 -2.96 -23.48
N ASP B 118 2.64 -2.83 -24.81
CA ASP B 118 1.43 -2.61 -25.57
C ASP B 118 0.49 -1.58 -24.96
N GLY B 119 1.02 -0.42 -24.72
CA GLY B 119 0.28 0.70 -24.20
C GLY B 119 1.10 1.98 -24.22
N SER B 120 0.44 3.07 -23.91
CA SER B 120 1.01 4.42 -23.93
C SER B 120 -0.05 5.38 -23.41
N PRO B 121 0.29 6.65 -23.12
CA PRO B 121 -0.76 7.62 -22.75
C PRO B 121 -1.90 7.71 -23.77
N THR B 122 -1.59 7.70 -25.11
CA THR B 122 -2.70 7.82 -26.08
C THR B 122 -3.48 6.54 -26.24
N TYR B 123 -2.80 5.40 -26.04
CA TYR B 123 -3.44 4.11 -26.13
C TYR B 123 -4.51 4.00 -25.04
N VAL B 124 -4.15 4.37 -23.80
CA VAL B 124 -5.14 4.33 -22.71
C VAL B 124 -6.27 5.34 -22.95
N LEU B 125 -5.94 6.50 -23.55
CA LEU B 125 -6.97 7.49 -23.87
C LEU B 125 -8.00 6.90 -24.86
N ALA B 126 -7.50 6.20 -25.90
CA ALA B 126 -8.36 5.55 -26.91
C ALA B 126 -9.27 4.51 -26.24
N TYR B 127 -8.72 3.74 -25.28
CA TYR B 127 -9.43 2.75 -24.47
C TYR B 127 -10.56 3.46 -23.72
N THR B 128 -10.27 4.56 -23.00
CA THR B 128 -11.35 5.28 -22.27
C THR B 128 -12.35 5.93 -23.21
N GLN B 129 -11.90 6.39 -24.38
CA GLN B 129 -12.80 7.02 -25.37
C GLN B 129 -13.78 5.97 -25.92
N SER B 130 -13.36 4.68 -25.97
CA SER B 130 -14.29 3.64 -26.42
C SER B 130 -15.45 3.48 -25.43
N TYR B 131 -15.19 3.73 -24.15
CA TYR B 131 -16.24 3.69 -23.13
C TYR B 131 -17.06 4.95 -23.15
N ARG B 132 -16.40 6.12 -23.30
CA ARG B 132 -17.09 7.41 -23.38
C ARG B 132 -18.11 7.37 -24.50
N ALA B 133 -17.77 6.72 -25.63
CA ALA B 133 -18.63 6.61 -26.82
C ALA B 133 -19.89 5.78 -26.56
N LYS B 134 -19.88 5.01 -25.47
CA LYS B 134 -20.96 4.10 -25.09
C LYS B 134 -21.82 4.70 -23.98
N LEU B 135 -21.49 5.94 -23.55
CA LEU B 135 -22.26 6.60 -22.51
C LEU B 135 -23.63 6.96 -23.02
N THR B 136 -24.58 7.14 -22.13
CA THR B 136 -25.97 7.36 -22.49
C THR B 136 -26.33 8.84 -22.50
N PRO B 137 -26.82 9.38 -23.63
CA PRO B 137 -27.25 10.80 -23.64
C PRO B 137 -28.31 11.01 -22.57
N GLY B 138 -28.16 12.10 -21.84
CA GLY B 138 -29.10 12.42 -20.76
C GLY B 138 -28.59 11.92 -19.42
N CYS B 139 -27.53 11.09 -19.40
CA CYS B 139 -26.99 10.57 -18.15
C CYS B 139 -25.65 11.22 -17.88
N GLU B 140 -25.47 12.46 -18.33
CA GLU B 140 -24.17 13.14 -18.21
C GLU B 140 -23.69 13.24 -16.78
N ALA B 141 -24.60 13.44 -15.81
CA ALA B 141 -24.22 13.55 -14.40
C ALA B 141 -24.08 12.15 -13.74
N GLU B 142 -24.34 11.08 -14.51
CA GLU B 142 -24.35 9.71 -13.99
C GLU B 142 -23.32 8.80 -14.64
N ALA B 143 -22.18 9.36 -15.06
CA ALA B 143 -21.10 8.61 -15.67
C ALA B 143 -20.54 7.52 -14.74
N GLU B 144 -20.57 7.77 -13.41
CA GLU B 144 -20.11 6.81 -12.42
C GLU B 144 -20.98 5.58 -12.44
N THR B 145 -22.31 5.75 -12.43
CA THR B 145 -23.18 4.61 -12.55
C THR B 145 -22.92 3.86 -13.85
N GLU B 146 -22.76 4.60 -14.97
CA GLU B 146 -22.52 3.98 -16.26
C GLU B 146 -21.23 3.14 -16.26
N ALA B 147 -20.21 3.61 -15.51
CA ALA B 147 -18.93 2.88 -15.39
C ALA B 147 -19.16 1.59 -14.61
N ILE B 148 -20.01 1.62 -13.57
CA ILE B 148 -20.36 0.40 -12.80
C ILE B 148 -21.04 -0.57 -13.76
N CYS B 149 -21.89 -0.04 -14.68
CA CYS B 149 -22.55 -0.89 -15.70
C CYS B 149 -21.51 -1.55 -16.61
N PHE B 150 -20.52 -0.76 -17.10
CA PHE B 150 -19.48 -1.29 -17.97
C PHE B 150 -18.72 -2.38 -17.25
N PHE B 151 -18.50 -2.19 -15.95
CA PHE B 151 -17.83 -3.22 -15.15
C PHE B 151 -18.63 -4.52 -15.07
N VAL B 152 -19.93 -4.42 -14.78
CA VAL B 152 -20.80 -5.61 -14.76
C VAL B 152 -20.80 -6.31 -16.14
N GLN B 153 -20.81 -5.52 -17.24
CA GLN B 153 -20.84 -6.09 -18.60
C GLN B 153 -19.64 -6.95 -18.93
N GLN B 154 -18.53 -6.78 -18.21
CA GLN B 154 -17.34 -7.59 -18.46
C GLN B 154 -17.49 -9.03 -17.98
N PHE B 155 -18.50 -9.28 -17.11
CA PHE B 155 -18.78 -10.55 -16.48
C PHE B 155 -20.05 -11.21 -16.95
N THR B 156 -20.94 -10.44 -17.59
CA THR B 156 -22.25 -10.95 -18.02
C THR B 156 -22.51 -10.67 -19.48
N ASP B 157 -23.59 -11.24 -20.00
CA ASP B 157 -24.02 -10.98 -21.37
C ASP B 157 -25.07 -9.84 -21.39
N MET B 158 -25.25 -9.19 -20.22
CA MET B 158 -26.23 -8.13 -20.04
C MET B 158 -25.83 -6.91 -20.88
N GLU B 159 -26.82 -6.33 -21.56
CA GLU B 159 -26.56 -5.14 -22.37
C GLU B 159 -26.49 -3.93 -21.44
N HIS B 160 -25.81 -2.88 -21.88
CA HIS B 160 -25.62 -1.69 -21.05
C HIS B 160 -26.93 -1.12 -20.54
N ASN B 161 -27.89 -0.94 -21.43
CA ASN B 161 -29.18 -0.36 -21.08
C ASN B 161 -29.93 -1.15 -19.99
N ARG B 162 -29.83 -2.50 -20.04
CA ARG B 162 -30.45 -3.32 -18.99
C ARG B 162 -29.77 -3.09 -17.65
N VAL B 163 -28.43 -3.08 -17.62
CA VAL B 163 -27.70 -2.86 -16.37
C VAL B 163 -28.02 -1.46 -15.84
N LEU B 164 -28.04 -0.46 -16.73
CA LEU B 164 -28.35 0.91 -16.31
C LEU B 164 -29.75 0.99 -15.74
N GLU B 165 -30.73 0.32 -16.38
CA GLU B 165 -32.11 0.37 -15.87
C GLU B 165 -32.19 -0.27 -14.47
N ALA B 166 -31.36 -1.29 -14.19
CA ALA B 166 -31.38 -1.95 -12.87
C ALA B 166 -30.76 -1.07 -11.79
N LEU B 167 -29.66 -0.38 -12.13
CA LEU B 167 -28.84 0.39 -11.17
C LEU B 167 -29.17 1.86 -11.01
N LEU B 168 -29.51 2.54 -12.11
CA LEU B 168 -29.72 3.98 -12.07
C LEU B 168 -30.82 4.38 -11.05
N PRO B 169 -31.95 3.64 -10.94
CA PRO B 169 -32.98 4.04 -9.95
C PRO B 169 -32.58 3.80 -8.50
N LEU B 170 -31.48 3.06 -8.22
CA LEU B 170 -31.10 2.79 -6.81
C LEU B 170 -30.72 4.07 -6.06
N LYS B 171 -30.71 4.03 -4.71
CA LYS B 171 -30.48 5.20 -3.87
C LYS B 171 -29.17 5.95 -4.17
N GLY B 172 -28.09 5.22 -4.34
CA GLY B 172 -26.80 5.86 -4.60
C GLY B 172 -25.70 4.86 -4.86
N LEU B 173 -24.46 5.35 -4.76
CA LEU B 173 -23.27 4.57 -5.06
C LEU B 173 -23.20 3.21 -4.35
N GLU B 174 -23.30 3.18 -3.00
CA GLU B 174 -23.17 1.91 -2.29
C GLU B 174 -24.22 0.87 -2.70
N GLU B 175 -25.46 1.30 -2.91
CA GLU B 175 -26.54 0.40 -3.33
C GLU B 175 -26.28 -0.11 -4.74
N ARG B 176 -25.74 0.74 -5.62
CA ARG B 176 -25.45 0.37 -7.01
C ARG B 176 -24.30 -0.61 -7.05
N VAL B 177 -23.27 -0.39 -6.23
CA VAL B 177 -22.12 -1.29 -6.16
C VAL B 177 -22.62 -2.64 -5.65
N ALA B 178 -23.44 -2.66 -4.59
CA ALA B 178 -23.96 -3.91 -4.03
C ALA B 178 -24.82 -4.65 -5.06
N ALA B 179 -25.68 -3.91 -5.82
CA ALA B 179 -26.51 -4.55 -6.85
C ALA B 179 -25.66 -5.06 -8.03
N ALA B 180 -24.57 -4.35 -8.34
CA ALA B 180 -23.64 -4.74 -9.40
C ALA B 180 -22.99 -6.06 -9.04
N VAL B 181 -22.52 -6.15 -7.80
CA VAL B 181 -21.91 -7.37 -7.27
C VAL B 181 -22.93 -8.52 -7.36
N ASP B 182 -24.20 -8.28 -6.99
CA ASP B 182 -25.22 -9.32 -7.08
C ASP B 182 -25.45 -9.79 -8.50
N LEU B 183 -25.45 -8.85 -9.48
CA LEU B 183 -25.63 -9.22 -10.89
C LEU B 183 -24.46 -10.09 -11.38
N ILE B 184 -23.24 -9.78 -10.91
CA ILE B 184 -22.07 -10.54 -11.32
C ILE B 184 -22.11 -11.94 -10.69
N ILE B 185 -22.38 -12.00 -9.38
CA ILE B 185 -22.43 -13.24 -8.59
C ILE B 185 -23.44 -14.23 -9.17
N LYS B 186 -24.53 -13.75 -9.81
CA LYS B 186 -25.53 -14.60 -10.48
C LYS B 186 -24.87 -15.61 -11.43
N SER B 187 -23.95 -15.13 -12.29
CA SER B 187 -23.21 -15.93 -13.28
C SER B 187 -21.83 -16.38 -12.80
N HIS B 188 -21.30 -15.78 -11.71
CA HIS B 188 -19.98 -16.10 -11.18
C HIS B 188 -20.10 -16.21 -9.66
N GLN B 189 -20.80 -17.29 -9.20
CA GLN B 189 -21.11 -17.54 -7.79
C GLN B 189 -19.92 -17.73 -6.89
N GLY B 190 -18.80 -18.12 -7.47
CA GLY B 190 -17.56 -18.36 -6.73
C GLY B 190 -16.60 -17.20 -6.66
N LEU B 191 -17.01 -16.01 -7.11
CA LEU B 191 -16.13 -14.86 -7.02
C LEU B 191 -16.27 -14.19 -5.67
N ASP B 192 -15.19 -13.56 -5.19
CA ASP B 192 -15.23 -12.92 -3.88
C ASP B 192 -15.97 -11.60 -3.98
N ARG B 193 -17.04 -11.47 -3.17
CA ARG B 193 -17.85 -10.26 -3.17
CA ARG B 193 -17.85 -10.26 -3.16
C ARG B 193 -17.07 -9.00 -2.79
N GLN B 194 -16.17 -9.08 -1.77
CA GLN B 194 -15.38 -7.89 -1.40
C GLN B 194 -14.40 -7.48 -2.52
N GLU B 195 -13.81 -8.45 -3.25
CA GLU B 195 -12.92 -8.15 -4.39
C GLU B 195 -13.76 -7.53 -5.50
N LEU B 196 -15.01 -8.04 -5.70
CA LEU B 196 -15.91 -7.47 -6.72
C LEU B 196 -16.34 -6.07 -6.41
N SER B 197 -16.70 -5.80 -5.13
CA SER B 197 -17.15 -4.49 -4.69
C SER B 197 -16.02 -3.47 -4.89
N PHE B 198 -14.81 -3.83 -4.47
CA PHE B 198 -13.66 -2.94 -4.65
C PHE B 198 -13.41 -2.60 -6.09
N ALA B 199 -13.39 -3.63 -6.94
CA ALA B 199 -13.14 -3.48 -8.35
C ALA B 199 -14.25 -2.66 -9.03
N ALA B 200 -15.52 -2.97 -8.69
CA ALA B 200 -16.65 -2.28 -9.29
C ALA B 200 -16.65 -0.80 -8.94
N ARG B 201 -16.36 -0.44 -7.66
CA ARG B 201 -16.36 0.96 -7.24
C ARG B 201 -15.15 1.73 -7.77
N SER B 202 -14.06 1.03 -8.03
CA SER B 202 -12.84 1.70 -8.47
C SER B 202 -12.84 2.00 -9.95
N PHE B 203 -13.64 1.23 -10.74
CA PHE B 203 -13.58 1.28 -12.22
C PHE B 203 -13.74 2.69 -12.78
N TYR B 204 -14.81 3.37 -12.34
CA TYR B 204 -15.07 4.75 -12.77
C TYR B 204 -13.84 5.62 -12.58
N TYR B 205 -13.22 5.54 -11.41
CA TYR B 205 -12.07 6.36 -11.07
C TYR B 205 -10.89 6.04 -11.93
N LYS B 206 -10.70 4.77 -12.23
CA LYS B 206 -9.60 4.36 -13.15
C LYS B 206 -9.81 4.94 -14.55
N LEU B 207 -11.04 4.85 -15.07
CA LEU B 207 -11.33 5.36 -16.42
C LEU B 207 -11.17 6.89 -16.44
N ARG B 208 -11.77 7.55 -15.46
CA ARG B 208 -11.71 9.00 -15.35
C ARG B 208 -10.28 9.48 -15.26
N ALA B 209 -9.45 8.84 -14.42
CA ALA B 209 -8.04 9.26 -14.30
C ALA B 209 -7.32 9.16 -15.65
N ALA B 210 -7.49 8.04 -16.39
CA ALA B 210 -6.81 7.87 -17.70
C ALA B 210 -7.34 8.83 -18.77
N GLU B 211 -8.66 9.07 -18.77
CA GLU B 211 -9.28 10.00 -19.74
C GLU B 211 -8.77 11.45 -19.53
N GLN B 212 -8.60 11.84 -18.28
CA GLN B 212 -8.19 13.22 -17.93
C GLN B 212 -6.68 13.41 -17.89
N TYR B 213 -5.91 12.35 -18.06
CA TYR B 213 -4.46 12.47 -17.99
C TYR B 213 -3.83 13.14 -19.19
N THR B 214 -2.93 14.07 -18.91
CA THR B 214 -2.10 14.74 -19.90
C THR B 214 -0.71 14.91 -19.32
N PRO B 215 0.32 14.34 -19.96
CA PRO B 215 1.69 14.55 -19.48
C PRO B 215 1.99 16.06 -19.36
N LYS B 216 2.62 16.47 -18.25
CA LYS B 216 2.95 17.87 -17.95
C LYS B 216 4.24 18.37 -18.59
N ALA B 217 5.02 17.46 -19.19
CA ALA B 217 6.31 17.78 -19.79
C ALA B 217 6.66 16.74 -20.82
N LYS B 218 7.58 17.04 -21.73
CA LYS B 218 7.99 16.05 -22.69
C LYS B 218 8.88 15.08 -21.94
N TYR B 219 8.77 13.80 -22.28
CA TYR B 219 9.62 12.80 -21.68
C TYR B 219 10.91 12.71 -22.49
N HIS B 220 12.06 12.92 -21.83
CA HIS B 220 13.34 12.98 -22.51
C HIS B 220 14.11 11.67 -22.60
N GLY B 221 13.84 10.76 -21.68
CA GLY B 221 14.58 9.52 -21.60
C GLY B 221 14.22 8.52 -22.68
N ASN B 222 15.05 7.47 -22.78
CA ASN B 222 14.84 6.40 -23.74
C ASN B 222 13.55 5.69 -23.38
N VAL B 223 12.71 5.41 -24.37
CA VAL B 223 11.45 4.69 -24.14
C VAL B 223 11.40 3.49 -25.05
N MET B 224 11.06 2.35 -24.49
CA MET B 224 10.92 1.15 -25.28
CA MET B 224 10.90 1.18 -25.32
C MET B 224 9.46 0.77 -25.34
N LEU B 225 8.87 0.74 -26.54
CA LEU B 225 7.49 0.32 -26.68
C LEU B 225 7.55 -1.13 -27.20
N LEU B 226 6.96 -2.06 -26.48
CA LEU B 226 6.88 -3.46 -26.88
C LEU B 226 5.44 -3.64 -27.31
N ARG B 227 5.21 -3.48 -28.62
CA ARG B 227 3.90 -3.40 -29.28
C ARG B 227 3.44 -4.79 -29.77
N ALA B 228 2.16 -5.12 -29.61
CA ALA B 228 1.63 -6.41 -30.09
C ALA B 228 1.64 -6.44 -31.61
N LYS B 229 2.11 -7.52 -32.21
CA LYS B 229 2.11 -7.68 -33.68
C LYS B 229 0.70 -7.68 -34.23
N THR B 230 -0.22 -8.34 -33.53
CA THR B 230 -1.64 -8.39 -33.91
C THR B 230 -2.30 -7.22 -33.21
N GLY B 231 -2.62 -6.20 -33.98
CA GLY B 231 -3.21 -4.97 -33.48
C GLY B 231 -4.64 -5.14 -33.03
N GLY B 232 -5.11 -4.17 -32.26
CA GLY B 232 -6.48 -4.19 -31.77
C GLY B 232 -7.22 -2.99 -32.32
N ALA B 233 -8.35 -2.66 -31.73
CA ALA B 233 -9.11 -1.50 -32.16
C ALA B 233 -8.51 -0.20 -31.67
N TYR B 234 -8.09 -0.14 -30.37
CA TYR B 234 -7.55 1.07 -29.69
C TYR B 234 -6.33 1.63 -30.38
N GLY B 235 -5.62 0.75 -31.08
CA GLY B 235 -4.44 1.01 -31.86
C GLY B 235 -4.74 1.66 -33.19
N GLU B 236 -4.07 1.18 -34.29
CA GLU B 236 -4.07 1.65 -35.69
C GLU B 236 -5.27 2.56 -36.09
N ASP B 237 -5.14 3.79 -35.63
CA ASP B 237 -5.92 5.01 -35.71
C ASP B 237 -4.99 5.94 -34.95
N LEU B 238 -3.82 5.36 -34.63
CA LEU B 238 -2.66 5.90 -33.97
C LEU B 238 -1.42 5.19 -34.61
N GLY B 239 -0.25 5.78 -34.48
CA GLY B 239 0.95 5.28 -35.13
C GLY B 239 1.51 3.93 -34.73
N ALA B 240 2.63 3.59 -35.39
CA ALA B 240 3.44 2.42 -35.11
C ALA B 240 4.11 2.58 -33.71
N ASP B 241 4.15 3.82 -33.19
CA ASP B 241 4.75 4.11 -31.88
C ASP B 241 3.69 4.43 -30.86
N TYR B 242 2.41 4.18 -31.19
CA TYR B 242 1.30 4.45 -30.27
C TYR B 242 1.29 5.93 -29.84
N ASN B 243 1.71 6.81 -30.77
CA ASN B 243 1.78 8.26 -30.63
C ASN B 243 2.77 8.75 -29.59
N LEU B 244 3.76 7.90 -29.22
CA LEU B 244 4.77 8.30 -28.25
C LEU B 244 5.61 9.50 -28.70
N SER B 245 5.80 9.69 -30.03
CA SER B 245 6.59 10.86 -30.49
C SER B 245 5.98 12.20 -30.06
N GLN B 246 4.63 12.22 -29.77
CA GLN B 246 3.94 13.45 -29.36
C GLN B 246 4.31 13.87 -27.93
N VAL B 247 4.66 12.90 -27.08
CA VAL B 247 4.93 13.13 -25.67
C VAL B 247 6.37 12.82 -25.26
N CYS B 248 7.18 12.28 -26.20
CA CYS B 248 8.60 11.92 -26.03
C CYS B 248 9.42 12.66 -27.03
N ASP B 249 10.52 13.24 -26.61
CA ASP B 249 11.40 13.93 -27.56
C ASP B 249 12.79 13.31 -27.55
N GLY B 250 12.92 12.18 -26.85
CA GLY B 250 14.14 11.40 -26.78
C GLY B 250 14.06 10.19 -27.70
N LYS B 251 14.82 9.16 -27.36
CA LYS B 251 14.90 7.96 -28.20
C LYS B 251 13.76 7.00 -27.90
N VAL B 252 12.86 6.78 -28.87
CA VAL B 252 11.75 5.83 -28.71
C VAL B 252 12.05 4.65 -29.61
N SER B 253 12.17 3.44 -29.06
CA SER B 253 12.42 2.25 -29.88
C SER B 253 11.21 1.36 -29.80
N VAL B 254 10.69 0.95 -30.94
CA VAL B 254 9.50 0.15 -31.01
C VAL B 254 9.88 -1.28 -31.35
N HIS B 255 9.48 -2.23 -30.49
CA HIS B 255 9.75 -3.65 -30.71
C HIS B 255 8.39 -4.28 -30.93
N VAL B 256 8.20 -4.93 -32.08
CA VAL B 256 6.93 -5.58 -32.39
C VAL B 256 7.02 -7.00 -31.89
N ILE B 257 6.08 -7.39 -31.04
CA ILE B 257 6.08 -8.64 -30.32
C ILE B 257 4.96 -9.57 -30.77
N GLU B 258 5.32 -10.83 -31.09
CA GLU B 258 4.35 -11.83 -31.55
C GLU B 258 3.22 -11.96 -30.52
N GLY B 259 1.99 -11.93 -31.02
CA GLY B 259 0.80 -12.00 -30.19
C GLY B 259 -0.04 -10.75 -30.25
N ASP B 260 -1.13 -10.72 -29.48
CA ASP B 260 -2.01 -9.57 -29.44
C ASP B 260 -1.87 -8.86 -28.11
N HIS B 261 -2.76 -7.93 -27.84
CA HIS B 261 -2.78 -7.17 -26.60
C HIS B 261 -2.69 -8.05 -25.36
N ARG B 262 -3.33 -9.21 -25.38
CA ARG B 262 -3.35 -10.13 -24.24
C ARG B 262 -2.21 -11.13 -24.26
N THR B 263 -1.87 -11.68 -25.45
CA THR B 263 -0.94 -12.80 -25.51
C THR B 263 0.52 -12.43 -25.69
N LEU B 264 0.85 -11.14 -25.88
CA LEU B 264 2.26 -10.81 -26.08
C LEU B 264 3.14 -11.09 -24.83
N LEU B 265 2.53 -11.22 -23.65
CA LEU B 265 3.26 -11.49 -22.40
C LEU B 265 3.27 -13.00 -22.07
N GLU B 266 2.93 -13.82 -23.05
CA GLU B 266 2.92 -15.28 -22.93
C GLU B 266 3.52 -15.89 -24.20
N GLY B 267 3.85 -17.18 -24.15
CA GLY B 267 4.37 -17.91 -25.30
C GLY B 267 5.52 -17.29 -26.08
N SER B 268 5.41 -17.31 -27.42
CA SER B 268 6.43 -16.81 -28.33
C SER B 268 6.80 -15.35 -28.12
N GLY B 269 5.80 -14.49 -27.96
CA GLY B 269 6.03 -13.08 -27.70
C GLY B 269 6.77 -12.83 -26.41
N LEU B 270 6.43 -13.61 -25.39
CA LEU B 270 7.10 -13.52 -24.09
C LEU B 270 8.58 -13.79 -24.26
N GLU B 271 8.95 -14.81 -25.06
CA GLU B 271 10.37 -15.12 -25.28
C GLU B 271 11.12 -13.91 -25.79
N SER B 272 10.50 -13.18 -26.74
CA SER B 272 11.12 -11.97 -27.28
C SER B 272 11.28 -10.92 -26.22
N ILE B 273 10.23 -10.70 -25.40
CA ILE B 273 10.25 -9.69 -24.32
C ILE B 273 11.34 -10.03 -23.29
N ILE B 274 11.41 -11.31 -22.88
CA ILE B 274 12.45 -11.76 -21.93
C ILE B 274 13.86 -11.37 -22.46
N SER B 275 14.15 -11.68 -23.73
CA SER B 275 15.46 -11.37 -24.32
C SER B 275 15.69 -9.88 -24.35
N ILE B 276 14.66 -9.12 -24.72
CA ILE B 276 14.76 -7.66 -24.77
C ILE B 276 15.08 -7.06 -23.41
N ILE B 277 14.32 -7.44 -22.38
CA ILE B 277 14.54 -6.90 -21.04
C ILE B 277 15.91 -7.30 -20.51
N HIS B 278 16.24 -8.61 -20.57
CA HIS B 278 17.55 -9.07 -20.10
C HIS B 278 18.69 -8.32 -20.76
N SER B 279 18.63 -8.15 -22.08
CA SER B 279 19.67 -7.42 -22.82
C SER B 279 19.71 -5.94 -22.45
N SER B 280 18.53 -5.32 -22.29
CA SER B 280 18.45 -3.91 -21.94
C SER B 280 18.99 -3.59 -20.55
N LEU B 281 18.85 -4.53 -19.63
CA LEU B 281 19.29 -4.33 -18.26
C LEU B 281 20.63 -4.99 -17.96
N ALA B 282 21.33 -5.48 -19.01
CA ALA B 282 22.64 -6.14 -18.87
C ALA B 282 23.78 -5.13 -18.97
#